data_1O91
#
_entry.id   1O91
#
_cell.length_a   63.590
_cell.length_b   82.550
_cell.length_c   89.940
_cell.angle_alpha   90.00
_cell.angle_beta   90.00
_cell.angle_gamma   90.00
#
_symmetry.space_group_name_H-M   'P 21 21 21'
#
loop_
_entity.id
_entity.type
_entity.pdbx_description
1 polymer 'COLLAGEN ALPHA 1(VIII) CHAIN'
2 non-polymer 3-[(3-CHOLAMIDOPROPYL)DIMETHYLAMMONIO]-1-PROPANESULFONATE
3 non-polymer 'SULFATE ION'
4 water water
#
_entity_poly.entity_id   1
_entity_poly.type   'polypeptide(L)'
_entity_poly.pdbx_seq_one_letter_code
;HHHHHHAVMPTPSPQGEYLPDMGLGIDGVKTPHAYAGKKGKHGGPAYEMPAFTAELTVPFPPVGAPVKFDKLLYNGRQNY
NPQTGIFTCEVPGVYYFAYHVHCKGGNVWVALFKNNEPMMYTYDEYKKGFLDQASGSAVLLLRPGDQVFLQMPSEQAAGL
YAGQYVHSSFSGYLLYPM
;
_entity_poly.pdbx_strand_id   A,B,C
#
# COMPACT_ATOMS: atom_id res chain seq x y z
N GLU A 48 9.95 -23.19 5.09
CA GLU A 48 8.86 -22.17 5.22
C GLU A 48 9.47 -20.77 5.15
N MET A 49 8.86 -19.90 4.36
CA MET A 49 9.34 -18.53 4.18
C MET A 49 8.69 -17.56 5.16
N PRO A 50 9.45 -16.54 5.61
CA PRO A 50 8.96 -15.52 6.54
C PRO A 50 8.01 -14.54 5.87
N ALA A 51 6.75 -14.54 6.31
CA ALA A 51 5.75 -13.63 5.75
C ALA A 51 4.57 -13.58 6.72
N PHE A 52 3.95 -12.41 6.85
CA PHE A 52 2.84 -12.28 7.78
C PHE A 52 1.95 -11.07 7.51
N THR A 53 0.76 -11.12 8.10
CA THR A 53 -0.21 -10.03 8.05
C THR A 53 -0.92 -10.11 9.38
N ALA A 54 -0.86 -9.02 10.13
CA ALA A 54 -1.50 -8.95 11.44
C ALA A 54 -2.42 -7.75 11.45
N GLU A 55 -3.62 -7.92 12.00
CA GLU A 55 -4.58 -6.83 12.07
C GLU A 55 -4.82 -6.43 13.51
N LEU A 56 -5.05 -5.14 13.73
CA LEU A 56 -5.34 -4.61 15.06
C LEU A 56 -6.86 -4.56 15.13
N THR A 57 -7.44 -5.11 16.21
CA THR A 57 -8.89 -5.11 16.36
C THR A 57 -9.35 -4.25 17.54
N VAL A 58 -8.39 -3.74 18.30
CA VAL A 58 -8.70 -2.90 19.44
C VAL A 58 -8.06 -1.53 19.22
N PRO A 59 -8.84 -0.46 19.39
CA PRO A 59 -8.33 0.90 19.19
C PRO A 59 -7.41 1.43 20.27
N PHE A 60 -6.69 2.49 19.92
CA PHE A 60 -5.79 3.20 20.81
C PHE A 60 -4.77 2.41 21.61
N PRO A 61 -3.72 1.89 20.95
CA PRO A 61 -2.68 1.13 21.63
C PRO A 61 -1.73 2.11 22.32
N PRO A 62 -0.89 1.64 23.24
CA PRO A 62 0.03 2.51 23.96
C PRO A 62 1.09 3.20 23.09
N VAL A 63 1.47 4.41 23.48
CA VAL A 63 2.49 5.18 22.78
C VAL A 63 3.85 4.74 23.32
N GLY A 64 4.90 4.88 22.51
CA GLY A 64 6.23 4.53 22.96
C GLY A 64 6.56 3.05 23.03
N ALA A 65 5.74 2.22 22.42
CA ALA A 65 5.96 0.78 22.41
C ALA A 65 5.41 0.21 21.12
N PRO A 66 5.94 -0.94 20.65
CA PRO A 66 5.46 -1.54 19.41
C PRO A 66 3.94 -1.74 19.44
N VAL A 67 3.28 -1.44 18.33
CA VAL A 67 1.84 -1.60 18.24
C VAL A 67 1.60 -3.10 18.09
N LYS A 68 0.82 -3.66 19.01
CA LYS A 68 0.56 -5.09 19.00
C LYS A 68 -0.63 -5.54 18.15
N PHE A 69 -0.41 -5.64 16.83
CA PHE A 69 -1.47 -6.12 15.94
C PHE A 69 -1.68 -7.56 16.39
N ASP A 70 -2.90 -7.84 16.87
CA ASP A 70 -3.29 -9.14 17.42
C ASP A 70 -3.84 -10.25 16.53
N LYS A 71 -4.60 -9.89 15.50
CA LYS A 71 -5.21 -10.90 14.62
C LYS A 71 -4.36 -11.30 13.41
N LEU A 72 -3.95 -12.56 13.38
CA LEU A 72 -3.10 -13.07 12.30
C LEU A 72 -3.87 -13.71 11.13
N LEU A 73 -3.50 -13.32 9.90
CA LEU A 73 -4.09 -13.88 8.70
C LEU A 73 -3.11 -14.91 8.16
N TYR A 74 -1.84 -14.69 8.44
CA TYR A 74 -0.77 -15.58 8.03
C TYR A 74 0.46 -15.22 8.84
N ASN A 75 1.30 -16.20 9.09
CA ASN A 75 2.50 -15.94 9.88
C ASN A 75 3.53 -17.05 9.66
N GLY A 76 3.98 -17.18 8.42
CA GLY A 76 4.97 -18.18 8.07
C GLY A 76 6.24 -18.00 8.87
N ARG A 77 6.71 -19.09 9.48
CA ARG A 77 7.91 -19.10 10.32
C ARG A 77 7.64 -18.42 11.66
N GLN A 78 6.45 -17.84 11.79
CA GLN A 78 6.04 -17.15 13.01
C GLN A 78 7.07 -16.14 13.50
N ASN A 79 7.62 -15.36 12.59
CA ASN A 79 8.60 -14.35 12.98
C ASN A 79 7.94 -13.09 13.50
N TYR A 80 6.62 -12.99 13.34
CA TYR A 80 5.90 -11.85 13.90
C TYR A 80 5.23 -12.38 15.15
N ASN A 81 5.35 -11.65 16.26
CA ASN A 81 4.73 -12.12 17.50
C ASN A 81 3.66 -11.14 17.95
N PRO A 82 2.40 -11.59 17.97
CA PRO A 82 1.26 -10.76 18.38
C PRO A 82 1.43 -10.22 19.80
N GLN A 83 2.18 -10.93 20.63
CA GLN A 83 2.40 -10.51 22.01
C GLN A 83 3.39 -9.35 22.15
N THR A 84 4.18 -9.09 21.10
CA THR A 84 5.15 -8.01 21.15
C THR A 84 4.95 -6.98 20.05
N GLY A 85 4.28 -7.39 18.97
CA GLY A 85 4.04 -6.49 17.85
C GLY A 85 5.31 -6.34 17.01
N ILE A 86 6.29 -7.19 17.29
CA ILE A 86 7.57 -7.13 16.59
C ILE A 86 7.83 -8.25 15.60
N PHE A 87 8.41 -7.90 14.45
CA PHE A 87 8.79 -8.90 13.46
C PHE A 87 10.29 -9.05 13.69
N THR A 88 10.73 -10.27 13.98
CA THR A 88 12.14 -10.53 14.24
C THR A 88 12.74 -11.27 13.05
N CYS A 89 13.82 -10.72 12.49
CA CYS A 89 14.47 -11.36 11.35
C CYS A 89 15.19 -12.63 11.78
N GLU A 90 14.87 -13.74 11.12
CA GLU A 90 15.49 -15.02 11.39
C GLU A 90 16.31 -15.36 10.14
N VAL A 91 15.71 -15.12 8.98
CA VAL A 91 16.38 -15.37 7.70
C VAL A 91 16.87 -14.04 7.13
N PRO A 92 18.20 -13.88 7.00
CA PRO A 92 18.80 -12.65 6.48
C PRO A 92 18.33 -12.34 5.07
N GLY A 93 18.18 -11.06 4.74
CA GLY A 93 17.76 -10.71 3.40
C GLY A 93 16.99 -9.42 3.26
N VAL A 94 16.50 -9.17 2.05
CA VAL A 94 15.71 -7.98 1.76
C VAL A 94 14.23 -8.27 2.01
N TYR A 95 13.59 -7.40 2.78
CA TYR A 95 12.18 -7.54 3.12
C TYR A 95 11.35 -6.35 2.68
N TYR A 96 10.05 -6.57 2.58
CA TYR A 96 9.11 -5.53 2.23
C TYR A 96 8.05 -5.51 3.34
N PHE A 97 7.75 -4.32 3.85
CA PHE A 97 6.75 -4.17 4.88
C PHE A 97 5.69 -3.17 4.43
N ALA A 98 4.45 -3.41 4.82
CA ALA A 98 3.35 -2.52 4.46
C ALA A 98 2.46 -2.38 5.67
N TYR A 99 1.93 -1.18 5.88
CA TYR A 99 1.05 -0.94 7.02
C TYR A 99 -0.04 0.05 6.69
N HIS A 100 -1.17 -0.10 7.36
CA HIS A 100 -2.32 0.77 7.17
C HIS A 100 -2.89 1.08 8.55
N VAL A 101 -2.94 2.36 8.89
CA VAL A 101 -3.45 2.76 10.19
C VAL A 101 -4.62 3.74 10.09
N HIS A 102 -5.67 3.46 10.83
CA HIS A 102 -6.83 4.34 10.84
C HIS A 102 -6.65 5.44 11.86
N CYS A 103 -7.27 6.58 11.58
CA CYS A 103 -7.18 7.76 12.43
C CYS A 103 -8.56 8.20 12.86
N LYS A 104 -8.75 8.33 14.17
CA LYS A 104 -10.02 8.77 14.72
C LYS A 104 -9.87 9.27 16.15
N GLY A 105 -10.62 10.32 16.48
CA GLY A 105 -10.56 10.90 17.81
C GLY A 105 -9.36 11.78 18.07
N GLY A 106 -8.31 11.60 17.28
CA GLY A 106 -7.12 12.41 17.45
C GLY A 106 -6.11 12.14 16.35
N ASN A 107 -5.12 13.02 16.22
CA ASN A 107 -4.08 12.88 15.21
C ASN A 107 -3.28 11.61 15.48
N VAL A 108 -2.69 11.03 14.44
CA VAL A 108 -1.89 9.84 14.61
C VAL A 108 -0.55 9.98 13.91
N TRP A 109 0.52 9.77 14.66
CA TRP A 109 1.87 9.85 14.14
C TRP A 109 2.54 8.53 14.48
N VAL A 110 2.91 7.78 13.45
CA VAL A 110 3.55 6.48 13.67
C VAL A 110 4.81 6.38 12.83
N ALA A 111 5.72 5.51 13.26
CA ALA A 111 6.96 5.31 12.52
C ALA A 111 7.26 3.83 12.42
N LEU A 112 7.83 3.43 11.29
CA LEU A 112 8.22 2.04 11.08
C LEU A 112 9.66 2.04 11.56
N PHE A 113 9.94 1.24 12.59
CA PHE A 113 11.28 1.16 13.15
C PHE A 113 12.05 -0.08 12.73
N LYS A 114 13.36 0.05 12.67
CA LYS A 114 14.24 -1.07 12.42
C LYS A 114 15.08 -0.94 13.69
N ASN A 115 14.88 -1.84 14.63
CA ASN A 115 15.58 -1.78 15.90
C ASN A 115 15.21 -0.47 16.59
N ASN A 116 16.19 0.41 16.84
CA ASN A 116 15.86 1.66 17.51
C ASN A 116 15.84 2.86 16.58
N GLU A 117 15.94 2.59 15.28
CA GLU A 117 15.96 3.66 14.29
C GLU A 117 14.65 3.81 13.52
N PRO A 118 14.07 5.03 13.53
CA PRO A 118 12.82 5.30 12.82
C PRO A 118 13.16 5.35 11.33
N MET A 119 12.63 4.43 10.54
CA MET A 119 12.93 4.38 9.11
C MET A 119 11.97 5.18 8.25
N MET A 120 10.70 5.21 8.66
CA MET A 120 9.66 5.90 7.91
C MET A 120 8.63 6.49 8.85
N TYR A 121 8.24 7.74 8.58
CA TYR A 121 7.25 8.45 9.38
C TYR A 121 5.96 8.65 8.62
N THR A 122 4.84 8.35 9.28
CA THR A 122 3.53 8.54 8.66
C THR A 122 2.69 9.37 9.63
N TYR A 123 2.07 10.42 9.11
CA TYR A 123 1.26 11.29 9.94
C TYR A 123 -0.12 11.57 9.32
N ASP A 124 -1.13 11.66 10.17
CA ASP A 124 -2.47 11.96 9.70
C ASP A 124 -3.20 12.78 10.77
N GLU A 125 -3.96 13.78 10.32
CA GLU A 125 -4.70 14.62 11.24
C GLU A 125 -6.15 14.19 11.26
N TYR A 126 -6.70 14.08 12.45
CA TYR A 126 -8.08 13.67 12.63
C TYR A 126 -9.02 14.63 11.91
N LYS A 127 -9.86 14.08 11.05
CA LYS A 127 -10.83 14.86 10.28
C LYS A 127 -12.10 15.02 11.11
N LYS A 128 -12.21 16.14 11.81
CA LYS A 128 -13.34 16.48 12.67
C LYS A 128 -14.53 15.52 12.63
N GLY A 129 -14.44 14.43 13.39
CA GLY A 129 -15.53 13.47 13.44
C GLY A 129 -15.70 12.51 12.27
N PHE A 130 -14.63 12.25 11.54
CA PHE A 130 -14.69 11.33 10.41
C PHE A 130 -13.50 10.36 10.42
N LEU A 131 -13.78 9.07 10.28
CA LEU A 131 -12.74 8.06 10.26
C LEU A 131 -11.86 8.31 9.04
N ASP A 132 -10.55 8.15 9.20
CA ASP A 132 -9.61 8.35 8.11
C ASP A 132 -8.54 7.26 8.16
N GLN A 133 -7.67 7.24 7.15
CA GLN A 133 -6.60 6.24 7.13
C GLN A 133 -5.35 6.76 6.43
N ALA A 134 -4.20 6.25 6.86
CA ALA A 134 -2.92 6.61 6.28
C ALA A 134 -2.14 5.31 6.15
N SER A 135 -1.28 5.21 5.13
CA SER A 135 -0.53 3.98 4.93
C SER A 135 0.94 4.24 4.64
N GLY A 136 1.69 3.15 4.55
CA GLY A 136 3.11 3.23 4.28
C GLY A 136 3.63 1.86 3.90
N SER A 137 4.81 1.82 3.31
CA SER A 137 5.44 0.57 2.92
C SER A 137 6.91 0.84 2.70
N ALA A 138 7.75 -0.15 2.94
CA ALA A 138 9.18 0.06 2.78
C ALA A 138 9.96 -1.22 2.58
N VAL A 139 11.05 -1.09 1.83
CA VAL A 139 11.97 -2.19 1.56
C VAL A 139 13.13 -1.99 2.52
N LEU A 140 13.49 -3.05 3.24
CA LEU A 140 14.58 -2.98 4.21
C LEU A 140 15.45 -4.22 4.18
N LEU A 141 16.77 -4.01 4.25
CA LEU A 141 17.71 -5.13 4.28
C LEU A 141 17.82 -5.47 5.75
N LEU A 142 17.54 -6.73 6.11
CA LEU A 142 17.60 -7.14 7.51
C LEU A 142 18.62 -8.24 7.78
N ARG A 143 19.17 -8.22 8.99
CA ARG A 143 20.13 -9.21 9.43
C ARG A 143 19.52 -9.97 10.62
N PRO A 144 19.99 -11.20 10.88
CA PRO A 144 19.42 -11.96 12.00
C PRO A 144 19.34 -11.13 13.27
N GLY A 145 18.19 -11.17 13.93
CA GLY A 145 18.03 -10.40 15.15
C GLY A 145 17.38 -9.05 14.98
N ASP A 146 17.48 -8.46 13.79
CA ASP A 146 16.86 -7.15 13.55
C ASP A 146 15.37 -7.23 13.85
N GLN A 147 14.85 -6.14 14.41
CA GLN A 147 13.44 -6.07 14.78
C GLN A 147 12.74 -4.94 14.03
N VAL A 148 11.60 -5.25 13.44
CA VAL A 148 10.84 -4.25 12.71
C VAL A 148 9.43 -4.18 13.29
N PHE A 149 8.97 -2.96 13.55
CA PHE A 149 7.67 -2.76 14.15
C PHE A 149 7.20 -1.32 13.94
N LEU A 150 5.94 -1.07 14.30
CA LEU A 150 5.35 0.26 14.19
C LEU A 150 5.20 0.79 15.61
N GLN A 151 5.46 2.07 15.78
CA GLN A 151 5.36 2.69 17.10
C GLN A 151 5.06 4.17 17.00
N MET A 152 4.18 4.65 17.89
CA MET A 152 3.82 6.06 17.93
C MET A 152 4.75 6.72 18.96
N PRO A 153 5.48 7.76 18.55
CA PRO A 153 6.39 8.45 19.47
C PRO A 153 5.77 9.46 20.42
N SER A 154 4.58 9.96 20.09
CA SER A 154 3.96 10.99 20.92
C SER A 154 2.52 10.80 21.39
N GLU A 155 2.29 11.19 22.64
CA GLU A 155 0.95 11.13 23.23
C GLU A 155 0.07 12.17 22.56
N GLN A 156 0.70 13.16 21.94
CA GLN A 156 0.00 14.23 21.25
C GLN A 156 -0.60 13.79 19.92
N ALA A 157 -0.28 12.59 19.48
CA ALA A 157 -0.81 12.07 18.23
C ALA A 157 -0.88 10.55 18.31
N ALA A 158 -1.78 10.06 19.16
CA ALA A 158 -1.93 8.63 19.38
C ALA A 158 -3.30 8.11 18.97
N GLY A 159 -3.98 8.83 18.09
CA GLY A 159 -5.30 8.41 17.66
C GLY A 159 -5.36 7.25 16.68
N LEU A 160 -4.51 6.24 16.88
CA LEU A 160 -4.51 5.07 16.01
C LEU A 160 -5.76 4.27 16.35
N TYR A 161 -6.69 4.21 15.40
CA TYR A 161 -7.97 3.54 15.57
C TYR A 161 -8.08 2.15 14.94
N ALA A 162 -8.95 1.31 15.52
CA ALA A 162 -9.17 -0.04 15.01
C ALA A 162 -10.47 -0.61 15.57
N GLY A 163 -11.07 -1.55 14.84
CA GLY A 163 -12.30 -2.16 15.28
C GLY A 163 -12.54 -3.51 14.63
N GLN A 164 -13.56 -4.22 15.09
CA GLN A 164 -13.90 -5.54 14.56
C GLN A 164 -14.12 -5.51 13.05
N TYR A 165 -14.68 -4.41 12.55
CA TYR A 165 -14.94 -4.29 11.12
C TYR A 165 -14.14 -3.14 10.50
N VAL A 166 -13.11 -2.72 11.22
CA VAL A 166 -12.23 -1.64 10.80
C VAL A 166 -10.81 -2.07 11.18
N HIS A 167 -10.15 -2.78 10.28
CA HIS A 167 -8.80 -3.28 10.56
C HIS A 167 -7.63 -2.35 10.25
N SER A 168 -6.75 -2.16 11.23
CA SER A 168 -5.52 -1.41 11.01
C SER A 168 -4.61 -2.62 10.81
N SER A 169 -3.59 -2.52 9.98
CA SER A 169 -2.75 -3.70 9.76
C SER A 169 -1.27 -3.45 9.54
N PHE A 170 -0.52 -4.55 9.56
CA PHE A 170 0.92 -4.54 9.41
C PHE A 170 1.29 -5.85 8.73
N SER A 171 1.99 -5.77 7.59
CA SER A 171 2.39 -6.96 6.84
C SER A 171 3.88 -6.88 6.51
N GLY A 172 4.47 -8.05 6.24
CA GLY A 172 5.88 -8.07 5.90
C GLY A 172 6.25 -9.44 5.33
N TYR A 173 7.22 -9.46 4.43
CA TYR A 173 7.67 -10.72 3.86
C TYR A 173 9.05 -10.61 3.24
N LEU A 174 9.73 -11.75 3.18
CA LEU A 174 11.06 -11.84 2.61
C LEU A 174 11.00 -11.76 1.09
N LEU A 175 11.84 -10.91 0.52
CA LEU A 175 11.88 -10.78 -0.94
C LEU A 175 13.04 -11.60 -1.48
N TYR A 176 14.24 -11.32 -0.99
CA TYR A 176 15.44 -12.03 -1.44
C TYR A 176 16.36 -12.41 -0.29
N PRO A 177 16.63 -13.71 -0.12
CA PRO A 177 17.51 -14.18 0.95
C PRO A 177 18.93 -13.66 0.69
N MET A 178 19.56 -13.10 1.71
CA MET A 178 20.91 -12.58 1.56
C MET A 178 21.89 -13.41 2.40
N GLU B 48 5.76 -18.17 -16.93
CA GLU B 48 5.02 -16.96 -16.49
C GLU B 48 4.46 -17.16 -15.09
N MET B 49 4.75 -16.22 -14.19
CA MET B 49 4.28 -16.30 -12.81
C MET B 49 2.96 -15.55 -12.65
N PRO B 50 2.16 -15.93 -11.65
CA PRO B 50 0.87 -15.29 -11.38
C PRO B 50 1.08 -13.93 -10.73
N ALA B 51 0.61 -12.87 -11.39
CA ALA B 51 0.75 -11.51 -10.88
C ALA B 51 -0.16 -10.62 -11.71
N PHE B 52 -0.80 -9.64 -11.07
CA PHE B 52 -1.70 -8.77 -11.80
C PHE B 52 -2.00 -7.47 -11.07
N THR B 53 -2.45 -6.49 -11.83
CA THR B 53 -2.91 -5.22 -11.30
C THR B 53 -4.05 -4.83 -12.24
N ALA B 54 -5.21 -4.59 -11.66
CA ALA B 54 -6.39 -4.23 -12.42
C ALA B 54 -6.92 -2.94 -11.84
N GLU B 55 -7.28 -2.00 -12.71
CA GLU B 55 -7.79 -0.70 -12.29
C GLU B 55 -9.25 -0.50 -12.67
N LEU B 56 -9.94 0.29 -11.87
CA LEU B 56 -11.34 0.62 -12.12
C LEU B 56 -11.33 2.08 -12.58
N THR B 57 -12.11 2.40 -13.62
CA THR B 57 -12.13 3.75 -14.15
C THR B 57 -13.54 4.38 -14.17
N VAL B 58 -14.52 3.64 -13.66
CA VAL B 58 -15.90 4.12 -13.59
C VAL B 58 -16.35 3.96 -12.15
N PRO B 59 -17.07 4.96 -11.62
CA PRO B 59 -17.53 4.92 -10.23
C PRO B 59 -18.74 4.05 -9.86
N PHE B 60 -18.83 3.80 -8.56
CA PHE B 60 -19.93 3.06 -7.95
C PHE B 60 -20.25 1.66 -8.46
N PRO B 61 -19.29 0.74 -8.33
CA PRO B 61 -19.54 -0.63 -8.78
C PRO B 61 -20.65 -1.21 -7.88
N PRO B 62 -21.49 -2.10 -8.43
CA PRO B 62 -22.57 -2.67 -7.62
C PRO B 62 -22.13 -3.36 -6.33
N VAL B 63 -22.99 -3.27 -5.31
CA VAL B 63 -22.75 -3.91 -4.02
C VAL B 63 -23.18 -5.37 -4.14
N GLY B 64 -22.65 -6.22 -3.26
CA GLY B 64 -23.03 -7.62 -3.26
C GLY B 64 -22.41 -8.53 -4.30
N ALA B 65 -21.44 -8.02 -5.04
CA ALA B 65 -20.76 -8.79 -6.08
C ALA B 65 -19.33 -8.28 -6.20
N PRO B 66 -18.41 -9.11 -6.69
CA PRO B 66 -17.01 -8.68 -6.83
C PRO B 66 -16.91 -7.40 -7.66
N VAL B 67 -15.99 -6.52 -7.27
CA VAL B 67 -15.77 -5.28 -7.99
C VAL B 67 -14.97 -5.66 -9.23
N LYS B 68 -15.50 -5.33 -10.41
CA LYS B 68 -14.84 -5.68 -11.66
C LYS B 68 -13.78 -4.71 -12.17
N PHE B 69 -12.59 -4.75 -11.57
CA PHE B 69 -11.50 -3.90 -12.04
C PHE B 69 -11.19 -4.47 -13.42
N ASP B 70 -11.32 -3.66 -14.47
CA ASP B 70 -11.09 -4.18 -15.82
C ASP B 70 -9.95 -3.60 -16.66
N LYS B 71 -9.27 -2.57 -16.17
CA LYS B 71 -8.15 -2.00 -16.91
C LYS B 71 -6.91 -2.70 -16.36
N LEU B 72 -6.35 -3.61 -17.15
CA LEU B 72 -5.18 -4.39 -16.73
C LEU B 72 -3.82 -3.83 -17.10
N LEU B 73 -2.90 -3.85 -16.14
CA LEU B 73 -1.53 -3.39 -16.35
C LEU B 73 -0.65 -4.61 -16.64
N TYR B 74 -0.99 -5.72 -16.01
CA TYR B 74 -0.27 -6.98 -16.19
C TYR B 74 -1.19 -8.07 -15.66
N ASN B 75 -1.05 -9.28 -16.20
CA ASN B 75 -1.89 -10.39 -15.77
C ASN B 75 -1.23 -11.72 -16.12
N GLY B 76 -0.12 -11.99 -15.45
CA GLY B 76 0.62 -13.22 -15.69
C GLY B 76 -0.22 -14.46 -15.46
N ARG B 77 -0.20 -15.36 -16.43
CA ARG B 77 -0.96 -16.61 -16.38
C ARG B 77 -2.45 -16.38 -16.49
N GLN B 78 -2.85 -15.12 -16.61
CA GLN B 78 -4.26 -14.75 -16.72
C GLN B 78 -5.12 -15.37 -15.62
N ASN B 79 -4.61 -15.40 -14.39
CA ASN B 79 -5.37 -15.97 -13.29
C ASN B 79 -6.41 -14.99 -12.76
N TYR B 80 -6.28 -13.71 -13.15
CA TYR B 80 -7.26 -12.71 -12.75
C TYR B 80 -8.19 -12.52 -13.95
N ASN B 81 -9.50 -12.46 -13.68
CA ASN B 81 -10.51 -12.32 -14.73
C ASN B 81 -11.20 -10.95 -14.69
N PRO B 82 -10.89 -10.07 -15.68
CA PRO B 82 -11.48 -8.73 -15.77
C PRO B 82 -13.01 -8.75 -15.86
N GLN B 83 -13.56 -9.86 -16.33
CA GLN B 83 -15.00 -10.00 -16.47
C GLN B 83 -15.71 -10.30 -15.15
N THR B 84 -14.97 -10.81 -14.18
CA THR B 84 -15.57 -11.14 -12.89
C THR B 84 -14.97 -10.40 -11.70
N GLY B 85 -13.73 -9.93 -11.86
CA GLY B 85 -13.06 -9.24 -10.77
C GLY B 85 -12.50 -10.26 -9.79
N ILE B 86 -12.43 -11.51 -10.22
CA ILE B 86 -11.94 -12.58 -9.37
C ILE B 86 -10.60 -13.16 -9.77
N PHE B 87 -9.74 -13.35 -8.78
CA PHE B 87 -8.43 -13.95 -9.01
C PHE B 87 -8.60 -15.40 -8.59
N THR B 88 -8.38 -16.34 -9.52
CA THR B 88 -8.50 -17.75 -9.18
C THR B 88 -7.14 -18.40 -9.13
N CYS B 89 -6.80 -18.96 -7.98
CA CYS B 89 -5.52 -19.59 -7.78
C CYS B 89 -5.30 -20.85 -8.64
N GLU B 90 -4.20 -20.83 -9.39
CA GLU B 90 -3.81 -21.95 -10.23
C GLU B 90 -2.59 -22.59 -9.56
N VAL B 91 -1.60 -21.75 -9.26
CA VAL B 91 -0.36 -22.19 -8.62
C VAL B 91 -0.49 -22.06 -7.11
N PRO B 92 -0.45 -23.18 -6.38
CA PRO B 92 -0.57 -23.18 -4.92
C PRO B 92 0.57 -22.41 -4.27
N GLY B 93 0.28 -21.66 -3.20
CA GLY B 93 1.34 -20.93 -2.53
C GLY B 93 0.92 -19.71 -1.74
N VAL B 94 1.91 -18.97 -1.27
CA VAL B 94 1.65 -17.77 -0.49
C VAL B 94 1.59 -16.58 -1.44
N TYR B 95 0.51 -15.81 -1.33
CA TYR B 95 0.30 -14.63 -2.17
C TYR B 95 0.20 -13.35 -1.35
N TYR B 96 0.37 -12.23 -2.05
CA TYR B 96 0.26 -10.91 -1.44
C TYR B 96 -0.76 -10.17 -2.30
N PHE B 97 -1.75 -9.57 -1.66
CA PHE B 97 -2.75 -8.80 -2.38
C PHE B 97 -2.77 -7.40 -1.79
N ALA B 98 -3.03 -6.42 -2.65
CA ALA B 98 -3.10 -5.03 -2.22
C ALA B 98 -4.22 -4.36 -3.00
N TYR B 99 -4.90 -3.42 -2.36
CA TYR B 99 -5.97 -2.70 -3.03
C TYR B 99 -6.05 -1.26 -2.53
N HIS B 100 -6.56 -0.39 -3.39
CA HIS B 100 -6.70 1.02 -3.08
C HIS B 100 -8.04 1.45 -3.63
N VAL B 101 -8.95 1.85 -2.74
CA VAL B 101 -10.28 2.26 -3.16
C VAL B 101 -10.63 3.68 -2.72
N HIS B 102 -11.08 4.48 -3.68
CA HIS B 102 -11.45 5.85 -3.40
C HIS B 102 -12.88 5.92 -2.88
N CYS B 103 -13.15 6.96 -2.10
CA CYS B 103 -14.46 7.15 -1.48
C CYS B 103 -15.04 8.52 -1.80
N LYS B 104 -16.28 8.54 -2.27
CA LYS B 104 -16.93 9.80 -2.63
C LYS B 104 -18.45 9.69 -2.60
N GLY B 105 -19.11 10.66 -1.97
CA GLY B 105 -20.56 10.66 -1.91
C GLY B 105 -21.18 9.80 -0.82
N GLY B 106 -20.49 8.74 -0.45
CA GLY B 106 -20.99 7.86 0.59
C GLY B 106 -19.84 7.09 1.22
N ASN B 107 -20.08 6.53 2.39
CA ASN B 107 -19.06 5.75 3.08
C ASN B 107 -18.70 4.54 2.24
N VAL B 108 -17.53 3.98 2.45
CA VAL B 108 -17.12 2.80 1.71
C VAL B 108 -16.71 1.69 2.67
N TRP B 109 -17.35 0.54 2.55
CA TRP B 109 -17.04 -0.61 3.37
C TRP B 109 -16.81 -1.76 2.39
N VAL B 110 -15.56 -2.20 2.28
CA VAL B 110 -15.23 -3.29 1.37
C VAL B 110 -14.42 -4.35 2.09
N ALA B 111 -14.46 -5.57 1.58
CA ALA B 111 -13.72 -6.66 2.20
C ALA B 111 -12.99 -7.49 1.16
N LEU B 112 -11.81 -7.95 1.53
CA LEU B 112 -11.03 -8.81 0.65
C LEU B 112 -11.49 -10.21 1.02
N PHE B 113 -12.13 -10.89 0.06
CA PHE B 113 -12.62 -12.24 0.30
C PHE B 113 -11.73 -13.34 -0.25
N LYS B 114 -11.76 -14.48 0.42
CA LYS B 114 -11.06 -15.68 -0.02
C LYS B 114 -12.23 -16.65 -0.05
N ASN B 115 -12.72 -16.94 -1.24
CA ASN B 115 -13.88 -17.80 -1.40
C ASN B 115 -15.06 -17.05 -0.77
N ASN B 116 -15.72 -17.64 0.22
CA ASN B 116 -16.85 -16.97 0.86
C ASN B 116 -16.52 -16.32 2.21
N GLU B 117 -15.25 -16.32 2.59
CA GLU B 117 -14.85 -15.75 3.86
C GLU B 117 -14.17 -14.39 3.78
N PRO B 118 -14.63 -13.41 4.59
CA PRO B 118 -14.06 -12.07 4.61
C PRO B 118 -12.74 -12.12 5.38
N MET B 119 -11.64 -11.92 4.67
CA MET B 119 -10.33 -11.97 5.30
C MET B 119 -9.89 -10.65 5.92
N MET B 120 -10.26 -9.55 5.28
CA MET B 120 -9.89 -8.23 5.76
C MET B 120 -10.98 -7.22 5.43
N TYR B 121 -11.23 -6.29 6.34
CA TYR B 121 -12.23 -5.25 6.15
C TYR B 121 -11.57 -3.89 6.07
N THR B 122 -12.04 -3.05 5.15
CA THR B 122 -11.52 -1.71 4.99
C THR B 122 -12.73 -0.78 4.98
N TYR B 123 -12.71 0.22 5.84
CA TYR B 123 -13.82 1.17 5.93
C TYR B 123 -13.32 2.60 5.82
N ASP B 124 -14.15 3.46 5.26
CA ASP B 124 -13.83 4.85 5.10
C ASP B 124 -15.11 5.66 5.14
N GLU B 125 -15.11 6.74 5.90
CA GLU B 125 -16.27 7.61 6.01
C GLU B 125 -16.03 8.77 5.05
N TYR B 126 -16.94 8.94 4.10
CA TYR B 126 -16.78 10.00 3.12
C TYR B 126 -16.70 11.37 3.76
N LYS B 127 -15.77 12.18 3.26
CA LYS B 127 -15.54 13.53 3.77
C LYS B 127 -16.37 14.50 2.95
N LYS B 128 -17.63 14.66 3.36
CA LYS B 128 -18.59 15.54 2.70
C LYS B 128 -17.99 16.55 1.74
N GLY B 129 -18.19 16.32 0.45
CA GLY B 129 -17.69 17.22 -0.57
C GLY B 129 -16.36 16.89 -1.21
N PHE B 130 -15.53 16.09 -0.56
CA PHE B 130 -14.23 15.77 -1.14
C PHE B 130 -13.95 14.28 -1.32
N LEU B 131 -13.14 13.98 -2.33
CA LEU B 131 -12.74 12.62 -2.64
C LEU B 131 -11.70 12.16 -1.63
N ASP B 132 -11.81 10.92 -1.17
CA ASP B 132 -10.87 10.37 -0.19
C ASP B 132 -10.43 8.98 -0.66
N GLN B 133 -9.58 8.32 0.12
CA GLN B 133 -9.12 6.99 -0.25
C GLN B 133 -8.71 6.18 0.98
N ALA B 134 -8.83 4.86 0.86
CA ALA B 134 -8.43 3.93 1.92
C ALA B 134 -7.80 2.74 1.19
N SER B 135 -6.88 2.06 1.85
CA SER B 135 -6.19 0.92 1.24
C SER B 135 -6.07 -0.27 2.18
N GLY B 136 -5.65 -1.39 1.60
CA GLY B 136 -5.47 -2.61 2.36
C GLY B 136 -4.42 -3.49 1.69
N SER B 137 -3.80 -4.37 2.47
CA SER B 137 -2.78 -5.31 1.99
C SER B 137 -2.94 -6.59 2.81
N ALA B 138 -2.67 -7.73 2.18
CA ALA B 138 -2.80 -8.99 2.89
C ALA B 138 -2.02 -10.13 2.26
N VAL B 139 -1.37 -10.92 3.11
CA VAL B 139 -0.62 -12.09 2.69
C VAL B 139 -1.58 -13.25 2.94
N LEU B 140 -1.81 -14.06 1.92
CA LEU B 140 -2.72 -15.19 2.03
C LEU B 140 -2.16 -16.47 1.43
N LEU B 141 -2.38 -17.58 2.13
CA LEU B 141 -1.94 -18.88 1.65
C LEU B 141 -3.11 -19.40 0.82
N LEU B 142 -2.88 -19.64 -0.46
CA LEU B 142 -3.95 -20.11 -1.34
C LEU B 142 -3.74 -21.52 -1.89
N ARG B 143 -4.84 -22.22 -2.08
CA ARG B 143 -4.84 -23.57 -2.63
C ARG B 143 -5.46 -23.47 -4.02
N PRO B 144 -5.22 -24.47 -4.89
CA PRO B 144 -5.80 -24.41 -6.24
C PRO B 144 -7.30 -24.21 -6.20
N GLY B 145 -7.79 -23.26 -6.99
CA GLY B 145 -9.22 -23.00 -7.02
C GLY B 145 -9.70 -21.89 -6.10
N ASP B 146 -8.89 -21.50 -5.12
CA ASP B 146 -9.29 -20.44 -4.20
C ASP B 146 -9.53 -19.15 -4.98
N GLN B 147 -10.58 -18.43 -4.62
CA GLN B 147 -10.91 -17.19 -5.29
C GLN B 147 -10.76 -16.00 -4.37
N VAL B 148 -10.03 -14.99 -4.84
CA VAL B 148 -9.79 -13.78 -4.07
C VAL B 148 -10.38 -12.60 -4.84
N PHE B 149 -11.15 -11.77 -4.14
CA PHE B 149 -11.78 -10.62 -4.77
C PHE B 149 -12.22 -9.60 -3.73
N LEU B 150 -12.61 -8.42 -4.21
CA LEU B 150 -13.07 -7.35 -3.33
C LEU B 150 -14.56 -7.17 -3.51
N GLN B 151 -15.27 -6.96 -2.41
CA GLN B 151 -16.71 -6.80 -2.46
C GLN B 151 -17.25 -5.94 -1.34
N MET B 152 -18.25 -5.12 -1.65
CA MET B 152 -18.88 -4.27 -0.65
C MET B 152 -20.13 -5.01 -0.18
N PRO B 153 -20.23 -5.29 1.13
CA PRO B 153 -21.39 -6.00 1.66
C PRO B 153 -22.68 -5.19 1.86
N SER B 154 -22.55 -3.89 2.06
CA SER B 154 -23.72 -3.07 2.32
C SER B 154 -24.02 -1.89 1.39
N GLU B 155 -25.31 -1.71 1.10
CA GLU B 155 -25.76 -0.61 0.24
C GLU B 155 -25.59 0.70 1.02
N GLN B 156 -25.43 0.57 2.33
CA GLN B 156 -25.28 1.73 3.20
C GLN B 156 -23.89 2.36 3.14
N ALA B 157 -22.95 1.68 2.47
CA ALA B 157 -21.59 2.20 2.35
C ALA B 157 -21.01 1.71 1.02
N ALA B 158 -21.56 2.22 -0.07
CA ALA B 158 -21.14 1.82 -1.40
C ALA B 158 -20.49 2.93 -2.21
N GLY B 159 -20.00 3.97 -1.53
CA GLY B 159 -19.41 5.09 -2.23
C GLY B 159 -18.03 4.84 -2.81
N LEU B 160 -17.79 3.68 -3.40
CA LEU B 160 -16.49 3.38 -3.98
C LEU B 160 -16.40 4.15 -5.29
N TYR B 161 -15.46 5.10 -5.36
CA TYR B 161 -15.29 5.97 -6.52
C TYR B 161 -14.10 5.65 -7.41
N ALA B 162 -14.20 6.08 -8.67
CA ALA B 162 -13.14 5.91 -9.66
C ALA B 162 -13.51 6.77 -10.87
N GLY B 163 -12.51 7.06 -11.69
CA GLY B 163 -12.74 7.86 -12.89
C GLY B 163 -11.59 7.67 -13.85
N GLN B 164 -11.66 8.30 -15.02
CA GLN B 164 -10.58 8.17 -15.99
C GLN B 164 -9.30 8.77 -15.44
N TYR B 165 -9.45 9.71 -14.52
CA TYR B 165 -8.31 10.40 -13.90
C TYR B 165 -7.92 9.92 -12.51
N VAL B 166 -8.62 8.90 -11.99
CA VAL B 166 -8.31 8.38 -10.66
C VAL B 166 -8.72 6.91 -10.57
N HIS B 167 -7.72 6.04 -10.47
CA HIS B 167 -7.95 4.62 -10.41
C HIS B 167 -8.04 3.98 -9.04
N SER B 168 -9.10 3.22 -8.80
CA SER B 168 -9.18 2.45 -7.56
C SER B 168 -8.56 1.18 -8.15
N SER B 169 -7.85 0.39 -7.36
CA SER B 169 -7.21 -0.78 -7.94
C SER B 169 -7.08 -1.99 -7.04
N PHE B 170 -6.73 -3.12 -7.68
CA PHE B 170 -6.59 -4.41 -7.02
C PHE B 170 -5.38 -5.11 -7.65
N SER B 171 -4.43 -5.52 -6.81
CA SER B 171 -3.23 -6.19 -7.27
C SER B 171 -2.96 -7.45 -6.45
N GLY B 172 -2.24 -8.39 -7.04
CA GLY B 172 -1.91 -9.63 -6.36
C GLY B 172 -0.79 -10.36 -7.08
N TYR B 173 -0.01 -11.15 -6.35
CA TYR B 173 1.06 -11.92 -6.95
C TYR B 173 1.58 -13.01 -6.04
N LEU B 174 2.16 -14.04 -6.65
CA LEU B 174 2.70 -15.17 -5.93
C LEU B 174 4.05 -14.84 -5.31
N LEU B 175 4.18 -15.13 -4.02
CA LEU B 175 5.43 -14.89 -3.31
C LEU B 175 6.22 -16.20 -3.28
N TYR B 176 5.62 -17.22 -2.69
CA TYR B 176 6.29 -18.51 -2.57
C TYR B 176 5.39 -19.68 -2.99
N PRO B 177 5.82 -20.46 -4.00
CA PRO B 177 5.03 -21.60 -4.46
C PRO B 177 5.11 -22.67 -3.38
N MET B 178 4.03 -23.42 -3.18
CA MET B 178 4.05 -24.47 -2.18
C MET B 178 3.96 -25.83 -2.85
N GLU C 48 23.23 -8.37 -5.87
CA GLU C 48 22.00 -7.69 -5.36
C GLU C 48 20.86 -7.76 -6.36
N MET C 49 19.64 -7.70 -5.84
CA MET C 49 18.45 -7.70 -6.68
C MET C 49 17.95 -6.27 -6.70
N PRO C 50 17.24 -5.87 -7.77
CA PRO C 50 16.72 -4.51 -7.89
C PRO C 50 15.56 -4.28 -6.92
N ALA C 51 15.75 -3.37 -5.97
CA ALA C 51 14.71 -3.04 -5.00
C ALA C 51 15.10 -1.75 -4.28
N PHE C 52 14.12 -0.88 -4.05
CA PHE C 52 14.41 0.40 -3.41
C PHE C 52 13.19 1.00 -2.71
N THR C 53 13.49 1.95 -1.82
CA THR C 53 12.49 2.72 -1.11
C THR C 53 13.14 4.07 -0.90
N ALA C 54 12.47 5.13 -1.34
CA ALA C 54 12.99 6.48 -1.21
C ALA C 54 11.89 7.36 -0.63
N GLU C 55 12.27 8.28 0.26
CA GLU C 55 11.29 9.17 0.88
C GLU C 55 11.50 10.64 0.52
N LEU C 56 10.41 11.40 0.55
CA LEU C 56 10.44 12.83 0.28
C LEU C 56 10.26 13.50 1.64
N THR C 57 11.06 14.54 1.93
CA THR C 57 10.97 15.21 3.22
C THR C 57 10.70 16.70 3.14
N VAL C 58 10.50 17.19 1.92
CA VAL C 58 10.22 18.61 1.69
C VAL C 58 8.93 18.67 0.88
N PRO C 59 7.97 19.50 1.32
CA PRO C 59 6.71 19.59 0.58
C PRO C 59 6.76 20.40 -0.71
N PHE C 60 5.78 20.11 -1.57
CA PHE C 60 5.59 20.82 -2.83
C PHE C 60 6.70 20.78 -3.87
N PRO C 61 7.05 19.57 -4.35
CA PRO C 61 8.10 19.42 -5.35
C PRO C 61 7.61 19.92 -6.71
N PRO C 62 8.53 20.06 -7.69
CA PRO C 62 8.18 20.53 -9.02
C PRO C 62 7.10 19.72 -9.74
N VAL C 63 6.27 20.42 -10.49
CA VAL C 63 5.21 19.80 -11.27
C VAL C 63 5.79 19.50 -12.65
N GLY C 64 5.33 18.42 -13.27
CA GLY C 64 5.80 18.08 -14.62
C GLY C 64 7.17 17.45 -14.71
N ALA C 65 7.68 16.97 -13.59
CA ALA C 65 8.99 16.33 -13.56
C ALA C 65 8.95 15.22 -12.50
N PRO C 66 9.80 14.21 -12.65
CA PRO C 66 9.81 13.11 -11.67
C PRO C 66 10.01 13.66 -10.27
N VAL C 67 9.28 13.14 -9.30
CA VAL C 67 9.43 13.58 -7.92
C VAL C 67 10.72 12.98 -7.40
N LYS C 68 11.64 13.84 -6.98
CA LYS C 68 12.93 13.39 -6.50
C LYS C 68 12.95 12.88 -5.06
N PHE C 69 12.36 11.70 -4.82
CA PHE C 69 12.40 11.13 -3.47
C PHE C 69 13.90 10.90 -3.25
N ASP C 70 14.46 11.54 -2.24
CA ASP C 70 15.90 11.44 -2.01
C ASP C 70 16.43 10.80 -0.73
N LYS C 71 15.55 10.39 0.19
CA LYS C 71 16.00 9.76 1.43
C LYS C 71 15.86 8.26 1.23
N LEU C 72 16.98 7.59 0.98
CA LEU C 72 16.98 6.16 0.70
C LEU C 72 17.02 5.22 1.91
N LEU C 73 16.21 4.15 1.82
CA LEU C 73 16.16 3.13 2.86
C LEU C 73 16.93 1.93 2.33
N TYR C 74 16.85 1.73 1.01
CA TYR C 74 17.54 0.64 0.34
C TYR C 74 17.56 0.97 -1.15
N ASN C 75 18.55 0.44 -1.87
CA ASN C 75 18.66 0.71 -3.30
C ASN C 75 19.53 -0.36 -3.97
N GLY C 76 19.05 -1.59 -3.96
CA GLY C 76 19.78 -2.69 -4.56
C GLY C 76 20.10 -2.47 -6.03
N ARG C 77 21.38 -2.67 -6.37
CA ARG C 77 21.88 -2.48 -7.74
C ARG C 77 21.89 -1.02 -8.16
N GLN C 78 21.45 -0.14 -7.27
CA GLN C 78 21.42 1.29 -7.54
C GLN C 78 20.67 1.63 -8.83
N ASN C 79 19.57 0.93 -9.07
CA ASN C 79 18.76 1.18 -10.26
C ASN C 79 17.89 2.42 -10.08
N TYR C 80 17.73 2.90 -8.85
CA TYR C 80 16.95 4.11 -8.60
C TYR C 80 17.94 5.25 -8.38
N ASN C 81 17.64 6.42 -8.95
CA ASN C 81 18.53 7.57 -8.80
C ASN C 81 17.83 8.67 -8.01
N PRO C 82 18.28 8.92 -6.77
CA PRO C 82 17.67 9.96 -5.94
C PRO C 82 17.85 11.37 -6.52
N GLN C 83 18.79 11.50 -7.45
CA GLN C 83 19.04 12.81 -8.06
C GLN C 83 18.08 13.12 -9.22
N THR C 84 17.34 12.10 -9.66
CA THR C 84 16.40 12.29 -10.76
C THR C 84 15.01 11.77 -10.44
N GLY C 85 14.91 10.92 -9.43
CA GLY C 85 13.64 10.34 -9.03
C GLY C 85 13.19 9.24 -9.97
N ILE C 86 14.11 8.75 -10.79
CA ILE C 86 13.79 7.71 -11.76
C ILE C 86 14.41 6.35 -11.48
N PHE C 87 13.61 5.30 -11.68
CA PHE C 87 14.09 3.94 -11.53
C PHE C 87 14.29 3.47 -12.97
N THR C 88 15.50 3.03 -13.29
CA THR C 88 15.81 2.56 -14.64
C THR C 88 15.98 1.05 -14.62
N CYS C 89 15.23 0.36 -15.47
CA CYS C 89 15.28 -1.10 -15.52
C CYS C 89 16.59 -1.64 -16.11
N GLU C 90 17.26 -2.47 -15.32
CA GLU C 90 18.50 -3.12 -15.73
C GLU C 90 18.17 -4.58 -15.97
N VAL C 91 17.43 -5.16 -15.02
CA VAL C 91 17.03 -6.56 -15.10
C VAL C 91 15.59 -6.69 -15.61
N PRO C 92 15.41 -7.29 -16.79
CA PRO C 92 14.10 -7.49 -17.43
C PRO C 92 13.19 -8.33 -16.55
N GLY C 93 11.91 -7.97 -16.48
CA GLY C 93 11.01 -8.76 -15.66
C GLY C 93 9.79 -8.05 -15.13
N VAL C 94 9.09 -8.74 -14.23
CA VAL C 94 7.89 -8.22 -13.60
C VAL C 94 8.28 -7.52 -12.31
N TYR C 95 7.81 -6.29 -12.13
CA TYR C 95 8.11 -5.50 -10.95
C TYR C 95 6.86 -5.06 -10.21
N TYR C 96 7.04 -4.65 -8.97
CA TYR C 96 5.94 -4.13 -8.15
C TYR C 96 6.42 -2.79 -7.63
N PHE C 97 5.59 -1.77 -7.82
CA PHE C 97 5.91 -0.42 -7.36
C PHE C 97 4.81 0.04 -6.41
N ALA C 98 5.17 0.89 -5.46
CA ALA C 98 4.20 1.42 -4.52
C ALA C 98 4.57 2.86 -4.22
N TYR C 99 3.57 3.68 -3.93
CA TYR C 99 3.82 5.07 -3.61
C TYR C 99 2.77 5.58 -2.63
N HIS C 100 3.17 6.53 -1.79
CA HIS C 100 2.28 7.11 -0.81
C HIS C 100 2.58 8.59 -0.82
N VAL C 101 1.57 9.40 -1.14
CA VAL C 101 1.78 10.84 -1.18
C VAL C 101 0.78 11.57 -0.29
N HIS C 102 1.29 12.51 0.50
CA HIS C 102 0.43 13.28 1.37
C HIS C 102 -0.11 14.46 0.59
N CYS C 103 -1.23 15.00 1.07
CA CYS C 103 -1.88 16.12 0.41
C CYS C 103 -2.24 17.22 1.39
N LYS C 104 -1.91 18.45 1.03
CA LYS C 104 -2.23 19.60 1.87
C LYS C 104 -2.08 20.92 1.12
N GLY C 105 -2.97 21.86 1.40
CA GLY C 105 -2.91 23.17 0.76
C GLY C 105 -3.51 23.21 -0.63
N GLY C 106 -3.57 22.06 -1.29
CA GLY C 106 -4.13 22.00 -2.62
C GLY C 106 -4.34 20.56 -3.03
N ASN C 107 -5.17 20.35 -4.04
CA ASN C 107 -5.44 19.00 -4.53
C ASN C 107 -4.16 18.42 -5.10
N VAL C 108 -4.06 17.10 -5.17
CA VAL C 108 -2.87 16.49 -5.73
C VAL C 108 -3.21 15.36 -6.70
N TRP C 109 -2.64 15.43 -7.90
CA TRP C 109 -2.88 14.42 -8.91
C TRP C 109 -1.51 13.89 -9.33
N VAL C 110 -1.31 12.59 -9.14
CA VAL C 110 -0.03 11.98 -9.52
C VAL C 110 -0.28 10.79 -10.43
N ALA C 111 0.74 10.45 -11.20
CA ALA C 111 0.65 9.31 -12.10
C ALA C 111 1.96 8.57 -12.00
N LEU C 112 1.87 7.24 -12.03
CA LEU C 112 3.06 6.41 -12.01
C LEU C 112 3.34 6.21 -13.49
N PHE C 113 4.46 6.75 -13.96
CA PHE C 113 4.81 6.63 -15.38
C PHE C 113 5.80 5.53 -15.70
N LYS C 114 5.65 4.96 -16.89
CA LYS C 114 6.60 3.98 -17.42
C LYS C 114 6.96 4.75 -18.69
N ASN C 115 8.10 5.42 -18.66
CA ASN C 115 8.53 6.28 -19.76
C ASN C 115 7.47 7.37 -19.86
N ASN C 116 6.88 7.58 -21.04
CA ASN C 116 5.87 8.63 -21.19
C ASN C 116 4.44 8.19 -20.87
N GLU C 117 4.24 6.89 -20.68
CA GLU C 117 2.91 6.35 -20.43
C GLU C 117 2.41 6.35 -18.98
N PRO C 118 1.26 6.98 -18.72
CA PRO C 118 0.69 7.02 -17.37
C PRO C 118 0.09 5.65 -17.12
N MET C 119 0.66 4.88 -16.20
CA MET C 119 0.16 3.54 -15.92
C MET C 119 -0.95 3.54 -14.87
N MET C 120 -0.84 4.46 -13.91
CA MET C 120 -1.83 4.56 -12.84
C MET C 120 -1.97 6.00 -12.36
N TYR C 121 -3.20 6.42 -12.11
CA TYR C 121 -3.50 7.76 -11.63
C TYR C 121 -4.06 7.74 -10.20
N THR C 122 -3.63 8.70 -9.39
CA THR C 122 -4.14 8.82 -8.03
C THR C 122 -4.45 10.29 -7.82
N TYR C 123 -5.67 10.57 -7.40
CA TYR C 123 -6.10 11.95 -7.17
C TYR C 123 -6.65 12.09 -5.76
N ASP C 124 -6.35 13.22 -5.14
CA ASP C 124 -6.83 13.49 -3.80
C ASP C 124 -7.18 14.98 -3.70
N GLU C 125 -8.32 15.29 -3.10
CA GLU C 125 -8.74 16.67 -2.93
C GLU C 125 -8.38 17.05 -1.51
N TYR C 126 -7.69 18.19 -1.35
CA TYR C 126 -7.29 18.61 -0.03
C TYR C 126 -8.49 18.88 0.88
N LYS C 127 -8.37 18.42 2.12
CA LYS C 127 -9.41 18.57 3.12
C LYS C 127 -9.15 19.86 3.88
N LYS C 128 -9.83 20.93 3.46
CA LYS C 128 -9.71 22.25 4.07
C LYS C 128 -9.04 22.29 5.44
N GLY C 129 -7.80 22.76 5.47
CA GLY C 129 -7.07 22.89 6.71
C GLY C 129 -6.40 21.65 7.31
N PHE C 130 -6.63 20.49 6.72
CA PHE C 130 -6.03 19.27 7.24
C PHE C 130 -5.09 18.56 6.28
N LEU C 131 -4.25 17.70 6.84
CA LEU C 131 -3.31 16.90 6.07
C LEU C 131 -4.03 15.60 5.72
N ASP C 132 -3.78 15.09 4.53
CA ASP C 132 -4.40 13.85 4.08
C ASP C 132 -3.35 13.02 3.34
N GLN C 133 -3.77 11.86 2.81
CA GLN C 133 -2.84 11.02 2.07
C GLN C 133 -3.56 10.08 1.12
N ALA C 134 -2.90 9.72 0.03
CA ALA C 134 -3.43 8.80 -0.96
C ALA C 134 -2.27 7.91 -1.38
N SER C 135 -2.57 6.67 -1.76
CA SER C 135 -1.54 5.72 -2.14
C SER C 135 -1.89 4.94 -3.40
N GLY C 136 -0.91 4.21 -3.91
CA GLY C 136 -1.12 3.40 -5.09
C GLY C 136 -0.02 2.36 -5.20
N SER C 137 -0.27 1.32 -5.99
CA SER C 137 0.71 0.28 -6.19
C SER C 137 0.36 -0.43 -7.48
N ALA C 138 1.36 -1.00 -8.14
CA ALA C 138 1.10 -1.68 -9.40
C ALA C 138 2.20 -2.62 -9.81
N VAL C 139 1.77 -3.68 -10.50
CA VAL C 139 2.66 -4.69 -11.03
C VAL C 139 2.90 -4.28 -12.48
N LEU C 140 4.15 -4.19 -12.88
CA LEU C 140 4.48 -3.80 -14.25
C LEU C 140 5.55 -4.68 -14.86
N LEU C 141 5.38 -4.99 -16.14
CA LEU C 141 6.35 -5.79 -16.87
C LEU C 141 7.30 -4.75 -17.46
N LEU C 142 8.57 -4.81 -17.09
CA LEU C 142 9.54 -3.84 -17.58
C LEU C 142 10.57 -4.42 -18.55
N ARG C 143 10.92 -3.61 -19.54
CA ARG C 143 11.92 -3.97 -20.54
C ARG C 143 13.19 -3.22 -20.14
N PRO C 144 14.36 -3.76 -20.49
CA PRO C 144 15.62 -3.09 -20.15
C PRO C 144 15.61 -1.67 -20.69
N GLY C 145 15.86 -0.69 -19.82
CA GLY C 145 15.88 0.68 -20.26
C GLY C 145 14.65 1.48 -19.85
N ASP C 146 13.55 0.78 -19.53
CA ASP C 146 12.34 1.49 -19.13
C ASP C 146 12.63 2.35 -17.92
N GLN C 147 12.02 3.53 -17.89
CA GLN C 147 12.20 4.46 -16.78
C GLN C 147 10.85 4.68 -16.08
N VAL C 148 10.80 4.36 -14.80
CA VAL C 148 9.60 4.47 -13.98
C VAL C 148 9.75 5.54 -12.91
N PHE C 149 8.71 6.35 -12.75
CA PHE C 149 8.74 7.43 -11.77
C PHE C 149 7.34 7.95 -11.48
N LEU C 150 7.22 8.78 -10.44
CA LEU C 150 5.94 9.38 -10.08
C LEU C 150 6.03 10.85 -10.50
N GLN C 151 4.93 11.39 -10.99
CA GLN C 151 4.93 12.78 -11.43
C GLN C 151 3.56 13.41 -11.41
N MET C 152 3.51 14.70 -11.09
CA MET C 152 2.27 15.45 -11.08
C MET C 152 2.15 16.10 -12.46
N PRO C 153 1.10 15.75 -13.21
CA PRO C 153 0.90 16.30 -14.56
C PRO C 153 0.30 17.70 -14.62
N SER C 154 -0.38 18.11 -13.54
CA SER C 154 -1.05 19.41 -13.54
C SER C 154 -0.64 20.42 -12.47
N GLU C 155 -0.46 21.66 -12.91
CA GLU C 155 -0.10 22.77 -12.03
C GLU C 155 -1.30 23.09 -11.14
N GLN C 156 -2.48 22.63 -11.55
CA GLN C 156 -3.70 22.89 -10.79
C GLN C 156 -3.90 21.92 -9.62
N ALA C 157 -3.10 20.86 -9.57
CA ALA C 157 -3.19 19.89 -8.47
C ALA C 157 -1.77 19.51 -8.05
N ALA C 158 -1.08 20.46 -7.43
CA ALA C 158 0.30 20.25 -7.02
C ALA C 158 0.51 20.13 -5.51
N GLY C 159 -0.57 19.90 -4.76
CA GLY C 159 -0.45 19.81 -3.31
C GLY C 159 0.24 18.58 -2.71
N LEU C 160 1.30 18.10 -3.35
CA LEU C 160 2.00 16.93 -2.82
C LEU C 160 2.82 17.39 -1.61
N TYR C 161 2.42 16.90 -0.44
CA TYR C 161 3.06 17.29 0.83
C TYR C 161 4.04 16.26 1.38
N ALA C 162 4.97 16.73 2.19
CA ALA C 162 5.98 15.90 2.84
C ALA C 162 6.68 16.75 3.90
N GLY C 163 7.38 16.12 4.82
CA GLY C 163 8.06 16.86 5.85
C GLY C 163 9.14 16.02 6.53
N GLN C 164 9.89 16.64 7.43
CA GLN C 164 10.94 15.93 8.14
C GLN C 164 10.38 14.71 8.87
N TYR C 165 9.14 14.82 9.35
CA TYR C 165 8.52 13.71 10.07
C TYR C 165 7.21 13.24 9.45
N VAL C 166 7.08 13.50 8.15
CA VAL C 166 5.90 13.10 7.38
C VAL C 166 6.43 12.69 6.00
N HIS C 167 6.76 11.41 5.85
CA HIS C 167 7.32 10.93 4.60
C HIS C 167 6.35 10.51 3.50
N SER C 168 6.53 11.07 2.30
CA SER C 168 5.76 10.64 1.16
C SER C 168 6.83 9.69 0.60
N SER C 169 6.45 8.61 -0.04
CA SER C 169 7.49 7.68 -0.51
C SER C 169 7.20 6.99 -1.84
N PHE C 170 8.22 6.31 -2.33
CA PHE C 170 8.18 5.59 -3.60
C PHE C 170 9.08 4.36 -3.45
N SER C 171 8.52 3.18 -3.73
CA SER C 171 9.26 1.92 -3.63
C SER C 171 9.03 1.05 -4.86
N GLY C 172 9.99 0.18 -5.13
CA GLY C 172 9.86 -0.71 -6.27
C GLY C 172 10.83 -1.86 -6.14
N TYR C 173 10.46 -3.03 -6.68
CA TYR C 173 11.35 -4.18 -6.63
C TYR C 173 10.98 -5.25 -7.64
N LEU C 174 11.99 -6.02 -8.03
CA LEU C 174 11.81 -7.10 -8.98
C LEU C 174 11.06 -8.29 -8.38
N LEU C 175 10.05 -8.78 -9.09
CA LEU C 175 9.29 -9.94 -8.64
C LEU C 175 9.81 -11.17 -9.36
N TYR C 176 9.76 -11.14 -10.69
CA TYR C 176 10.20 -12.28 -11.50
C TYR C 176 11.04 -11.86 -12.70
N PRO C 177 12.29 -12.34 -12.78
CA PRO C 177 13.15 -12.00 -13.91
C PRO C 177 12.57 -12.64 -15.16
N MET C 178 12.52 -11.89 -16.27
CA MET C 178 11.97 -12.43 -17.51
C MET C 178 13.02 -12.49 -18.62
#